data_7EN7
#
_entry.id   7EN7
#
_cell.length_a   58.411
_cell.length_b   72.759
_cell.length_c   81.765
_cell.angle_alpha   90.000
_cell.angle_beta   90.000
_cell.angle_gamma   90.000
#
_symmetry.space_group_name_H-M   'I 2 2 2'
#
loop_
_entity.id
_entity.type
_entity.pdbx_description
1 polymer 'HTH-type transcriptional regulator MurR'
2 non-polymer '(2R)-2-[(2R,3R,4R,5S,6R)-3-acetamido-2,5-bis(oxidanyl)-6-(phosphonooxymethyl)oxan-4-yl]oxypropanoic acid'
3 water water
#
_entity_poly.entity_id   1
_entity_poly.type   'polypeptide(L)'
_entity_poly.pdbx_seq_one_letter_code
;SITSDDSLEVIARKLNREKELALEQTCALLDYARLQKIIEVISKAPFIQITGLGGSALVGRDLSFKLMKIGYRVACEADT
HVQATVSQALKKGDVQIAISYSGSKKEIVLCAEAARKQGATVIAITSLTDSPLRRLAHFTLDTVSGETEWRSSSMSTRTA
QNSVTDLLFVGLVQLNDVESLKMIQRSSELTQRLK
;
_entity_poly.pdbx_strand_id   A
#
loop_
_chem_comp.id
_chem_comp.type
_chem_comp.name
_chem_comp.formula
J79 non-polymer '(2R)-2-[(2R,3R,4R,5S,6R)-3-acetamido-2,5-bis(oxidanyl)-6-(phosphonooxymethyl)oxan-4-yl]oxypropanoic acid' 'C11 H20 N O11 P'
#
# COMPACT_ATOMS: atom_id res chain seq x y z
N ASP A 5 0.28 19.43 30.65
CA ASP A 5 1.29 20.01 29.78
C ASP A 5 1.09 19.56 28.35
N ASP A 6 0.82 20.52 27.47
CA ASP A 6 0.58 20.27 26.05
C ASP A 6 1.57 21.06 25.20
N SER A 7 2.82 21.15 25.66
CA SER A 7 3.84 21.85 24.90
C SER A 7 4.18 21.08 23.64
N LEU A 8 4.76 21.80 22.67
CA LEU A 8 5.14 21.14 21.42
C LEU A 8 6.15 20.02 21.66
N GLU A 9 7.05 20.18 22.63
CA GLU A 9 8.00 19.11 22.91
C GLU A 9 7.30 17.86 23.43
N VAL A 10 6.31 18.03 24.31
CA VAL A 10 5.53 16.89 24.78
C VAL A 10 4.75 16.26 23.64
N ILE A 11 4.16 17.08 22.78
CA ILE A 11 3.41 16.58 21.63
C ILE A 11 4.31 15.75 20.73
N ALA A 12 5.50 16.26 20.43
CA ALA A 12 6.42 15.55 19.54
C ALA A 12 6.83 14.22 20.15
N ARG A 13 7.13 14.21 21.44
CA ARG A 13 7.53 12.97 22.11
C ARG A 13 6.41 11.94 22.07
N LYS A 14 5.18 12.37 22.36
CA LYS A 14 4.05 11.44 22.36
C LYS A 14 3.76 10.93 20.96
N LEU A 15 3.88 11.80 19.96
CA LEU A 15 3.60 11.39 18.59
C LEU A 15 4.64 10.38 18.10
N ASN A 16 5.92 10.61 18.41
CA ASN A 16 6.94 9.64 18.01
C ASN A 16 6.68 8.28 18.64
N ARG A 17 6.28 8.27 19.92
CA ARG A 17 5.97 7.00 20.57
C ARG A 17 4.76 6.34 19.94
N GLU A 18 3.74 7.13 19.61
CA GLU A 18 2.56 6.61 18.92
C GLU A 18 2.95 5.95 17.60
N LYS A 19 3.82 6.58 16.83
CA LYS A 19 4.27 6.00 15.57
C LYS A 19 5.10 4.73 15.81
N GLU A 20 5.97 4.74 16.82
CA GLU A 20 6.74 3.55 17.14
C GLU A 20 5.82 2.38 17.46
N LEU A 21 4.77 2.63 18.22
CA LEU A 21 3.83 1.57 18.59
C LEU A 21 3.05 1.07 17.39
N ALA A 22 2.70 1.97 16.45
CA ALA A 22 2.03 1.54 15.23
C ALA A 22 2.93 0.65 14.40
N LEU A 23 4.21 1.00 14.27
CA LEU A 23 5.15 0.16 13.55
C LEU A 23 5.26 -1.20 14.21
N GLU A 24 5.37 -1.21 15.54
CA GLU A 24 5.57 -2.44 16.29
C GLU A 24 4.34 -3.35 16.18
N GLN A 25 3.15 -2.78 16.42
CA GLN A 25 1.95 -3.61 16.44
C GLN A 25 1.59 -4.11 15.05
N THR A 26 1.86 -3.31 14.02
CA THR A 26 1.66 -3.78 12.65
C THR A 26 2.63 -4.90 12.32
N CYS A 27 3.90 -4.73 12.68
CA CYS A 27 4.91 -5.73 12.40
C CYS A 27 4.60 -7.05 13.10
N ALA A 28 4.07 -6.95 14.32
CA ALA A 28 3.80 -8.14 15.11
C ALA A 28 2.79 -9.08 14.45
N LEU A 29 1.92 -8.56 13.57
CA LEU A 29 0.89 -9.38 12.97
C LEU A 29 1.33 -10.07 11.68
N LEU A 30 2.49 -9.71 11.14
CA LEU A 30 2.91 -10.23 9.85
C LEU A 30 3.13 -11.73 9.90
N ASP A 31 2.58 -12.44 8.90
CA ASP A 31 2.94 -13.82 8.61
C ASP A 31 3.96 -13.74 7.48
N TYR A 32 5.24 -13.96 7.80
CA TYR A 32 6.31 -13.72 6.82
C TYR A 32 6.28 -14.69 5.65
N ALA A 33 5.84 -15.92 5.90
CA ALA A 33 5.66 -16.85 4.79
C ALA A 33 4.56 -16.38 3.85
N ARG A 34 3.43 -15.92 4.41
CA ARG A 34 2.36 -15.38 3.58
C ARG A 34 2.82 -14.11 2.85
N LEU A 35 3.66 -13.31 3.51
CA LEU A 35 4.16 -12.10 2.89
C LEU A 35 5.05 -12.40 1.69
N GLN A 36 5.94 -13.39 1.81
CA GLN A 36 6.78 -13.75 0.69
C GLN A 36 5.94 -14.19 -0.51
N LYS A 37 4.87 -14.95 -0.25
CA LYS A 37 3.94 -15.35 -1.31
C LYS A 37 3.31 -14.15 -1.98
N ILE A 38 2.87 -13.19 -1.18
CA ILE A 38 2.21 -11.98 -1.75
C ILE A 38 3.21 -11.25 -2.64
N ILE A 39 4.44 -11.09 -2.15
CA ILE A 39 5.45 -10.40 -2.94
C ILE A 39 5.68 -11.11 -4.26
N GLU A 40 5.73 -12.44 -4.25
CA GLU A 40 5.88 -13.18 -5.50
C GLU A 40 4.70 -12.93 -6.44
N VAL A 41 3.49 -12.93 -5.90
CA VAL A 41 2.30 -12.67 -6.71
C VAL A 41 2.38 -11.29 -7.37
N ILE A 42 2.76 -10.28 -6.60
CA ILE A 42 2.91 -8.94 -7.16
C ILE A 42 3.97 -8.93 -8.25
N SER A 43 5.10 -9.60 -8.01
CA SER A 43 6.22 -9.54 -8.95
C SER A 43 5.84 -10.09 -10.32
N LYS A 44 4.85 -10.99 -10.39
CA LYS A 44 4.44 -11.61 -11.63
C LYS A 44 3.33 -10.86 -12.35
N ALA A 45 2.80 -9.79 -11.77
CA ALA A 45 1.63 -9.13 -12.35
C ALA A 45 2.03 -8.33 -13.59
N PRO A 46 1.38 -8.55 -14.73
CA PRO A 46 1.62 -7.67 -15.88
C PRO A 46 1.18 -6.24 -15.64
N PHE A 47 0.17 -6.05 -14.80
CA PHE A 47 -0.33 -4.72 -14.46
C PHE A 47 -0.76 -4.75 -13.00
N ILE A 48 -0.46 -3.67 -12.28
CA ILE A 48 -0.82 -3.52 -10.88
C ILE A 48 -1.65 -2.26 -10.75
N GLN A 49 -2.82 -2.35 -10.14
CA GLN A 49 -3.58 -1.18 -9.77
C GLN A 49 -3.52 -1.02 -8.26
N ILE A 50 -3.11 0.14 -7.79
CA ILE A 50 -3.11 0.45 -6.36
C ILE A 50 -4.26 1.43 -6.12
N THR A 51 -5.25 1.01 -5.35
CA THR A 51 -6.43 1.82 -5.11
C THR A 51 -6.41 2.41 -3.70
N GLY A 52 -7.20 3.46 -3.53
CA GLY A 52 -7.36 4.09 -2.23
C GLY A 52 -7.90 5.50 -2.38
N LEU A 53 -8.33 6.04 -1.24
CA LEU A 53 -8.86 7.39 -1.12
C LEU A 53 -8.12 8.11 -0.01
N GLY A 54 -8.13 9.45 -0.09
CA GLY A 54 -7.61 10.25 1.01
C GLY A 54 -6.19 9.90 1.36
N GLY A 55 -5.94 9.68 2.66
CA GLY A 55 -4.59 9.35 3.10
C GLY A 55 -4.10 8.04 2.53
N SER A 56 -5.00 7.07 2.34
CA SER A 56 -4.61 5.80 1.75
C SER A 56 -4.17 5.97 0.31
N ALA A 57 -4.77 6.91 -0.42
CA ALA A 57 -4.36 7.17 -1.79
C ALA A 57 -2.94 7.73 -1.83
N LEU A 58 -2.56 8.54 -0.84
CA LEU A 58 -1.20 9.06 -0.82
C LEU A 58 -0.18 7.97 -0.51
N VAL A 59 -0.52 7.08 0.44
CA VAL A 59 0.32 5.90 0.68
C VAL A 59 0.46 5.09 -0.60
N GLY A 60 -0.64 4.89 -1.31
CA GLY A 60 -0.59 4.15 -2.56
C GLY A 60 0.28 4.83 -3.60
N ARG A 61 0.15 6.15 -3.72
CA ARG A 61 0.95 6.89 -4.69
C ARG A 61 2.45 6.79 -4.37
N ASP A 62 2.78 6.85 -3.08
CA ASP A 62 4.15 6.70 -2.61
C ASP A 62 4.72 5.36 -3.05
N LEU A 63 3.96 4.27 -2.87
CA LEU A 63 4.40 2.97 -3.35
C LEU A 63 4.47 2.95 -4.88
N SER A 64 3.47 3.55 -5.54
CA SER A 64 3.40 3.47 -7.00
C SER A 64 4.63 4.08 -7.66
N PHE A 65 5.11 5.21 -7.16
CA PHE A 65 6.27 5.85 -7.77
C PHE A 65 7.49 4.95 -7.66
N LYS A 66 7.66 4.29 -6.52
CA LYS A 66 8.81 3.41 -6.37
C LYS A 66 8.70 2.18 -7.27
N LEU A 67 7.51 1.59 -7.37
CA LEU A 67 7.35 0.42 -8.23
C LEU A 67 7.55 0.78 -9.69
N MET A 68 7.07 1.95 -10.12
CA MET A 68 7.26 2.35 -11.51
C MET A 68 8.73 2.56 -11.82
N LYS A 69 9.48 3.12 -10.87
CA LYS A 69 10.90 3.35 -11.10
C LYS A 69 11.65 2.05 -11.35
N ILE A 70 11.24 0.97 -10.69
CA ILE A 70 11.89 -0.33 -10.86
C ILE A 70 11.17 -1.22 -11.88
N GLY A 71 10.35 -0.62 -12.74
CA GLY A 71 9.90 -1.29 -13.94
C GLY A 71 8.50 -1.84 -13.94
N TYR A 72 7.75 -1.73 -12.85
CA TYR A 72 6.39 -2.23 -12.84
C TYR A 72 5.44 -1.29 -13.58
N ARG A 73 4.44 -1.89 -14.23
CA ARG A 73 3.38 -1.13 -14.87
C ARG A 73 2.26 -0.97 -13.84
N VAL A 74 2.03 0.26 -13.41
CA VAL A 74 1.19 0.56 -12.26
C VAL A 74 0.19 1.64 -12.60
N ALA A 75 -1.05 1.44 -12.17
CA ALA A 75 -2.10 2.43 -12.19
C ALA A 75 -2.36 2.87 -10.76
N CYS A 76 -2.41 4.18 -10.53
CA CYS A 76 -2.72 4.69 -9.20
C CYS A 76 -3.22 6.12 -9.36
N GLU A 77 -4.50 6.33 -9.09
CA GLU A 77 -5.18 7.58 -9.43
C GLU A 77 -6.16 7.91 -8.32
N ALA A 78 -6.28 9.20 -8.00
CA ALA A 78 -7.15 9.62 -6.90
C ALA A 78 -8.63 9.59 -7.28
N ASP A 79 -8.98 9.96 -8.52
CA ASP A 79 -10.37 10.03 -8.94
C ASP A 79 -11.03 8.65 -8.83
N THR A 80 -12.05 8.55 -7.97
CA THR A 80 -12.62 7.24 -7.68
C THR A 80 -13.36 6.66 -8.88
N HIS A 81 -13.93 7.51 -9.72
CA HIS A 81 -14.64 6.99 -10.89
C HIS A 81 -13.64 6.49 -11.92
N VAL A 82 -12.50 7.16 -12.06
CA VAL A 82 -11.43 6.63 -12.91
C VAL A 82 -10.92 5.31 -12.34
N GLN A 83 -10.72 5.25 -11.02
CA GLN A 83 -10.27 3.99 -10.42
C GLN A 83 -11.20 2.84 -10.78
N ALA A 84 -12.52 3.09 -10.75
CA ALA A 84 -13.48 2.04 -11.11
C ALA A 84 -13.28 1.59 -12.55
N THR A 85 -13.04 2.54 -13.47
CA THR A 85 -12.84 2.14 -14.87
C THR A 85 -11.59 1.29 -15.04
N VAL A 86 -10.55 1.54 -14.25
CA VAL A 86 -9.36 0.72 -14.35
C VAL A 86 -9.61 -0.67 -13.81
N SER A 87 -10.33 -0.76 -12.69
CA SER A 87 -10.56 -2.06 -12.05
C SER A 87 -11.27 -3.03 -12.99
N GLN A 88 -12.28 -2.55 -13.72
CA GLN A 88 -13.01 -3.43 -14.63
C GLN A 88 -12.20 -3.81 -15.85
N ALA A 89 -11.11 -3.10 -16.13
CA ALA A 89 -10.24 -3.40 -17.25
C ALA A 89 -9.11 -4.35 -16.89
N LEU A 90 -8.97 -4.73 -15.62
CA LEU A 90 -7.93 -5.66 -15.22
C LEU A 90 -8.19 -7.05 -15.80
N LYS A 91 -7.12 -7.82 -15.96
CA LYS A 91 -7.15 -9.16 -16.52
C LYS A 91 -6.71 -10.17 -15.48
N LYS A 92 -6.99 -11.45 -15.75
CA LYS A 92 -6.45 -12.52 -14.92
C LYS A 92 -4.94 -12.41 -14.88
N GLY A 93 -4.36 -12.53 -13.68
CA GLY A 93 -2.95 -12.36 -13.48
C GLY A 93 -2.53 -10.97 -13.08
N ASP A 94 -3.36 -9.96 -13.37
CA ASP A 94 -3.13 -8.63 -12.83
C ASP A 94 -3.42 -8.63 -11.33
N VAL A 95 -2.90 -7.61 -10.65
CA VAL A 95 -3.02 -7.50 -9.20
C VAL A 95 -3.60 -6.13 -8.85
N GLN A 96 -4.54 -6.12 -7.91
CA GLN A 96 -4.97 -4.88 -7.28
C GLN A 96 -4.50 -4.88 -5.85
N ILE A 97 -3.77 -3.83 -5.46
CA ILE A 97 -3.40 -3.58 -4.08
C ILE A 97 -4.38 -2.52 -3.57
N ALA A 98 -5.32 -2.94 -2.72
CA ALA A 98 -6.40 -2.10 -2.25
C ALA A 98 -6.05 -1.59 -0.87
N ILE A 99 -5.73 -0.30 -0.75
CA ILE A 99 -5.30 0.28 0.51
C ILE A 99 -6.48 1.03 1.11
N SER A 100 -6.97 0.55 2.25
CA SER A 100 -8.09 1.19 2.92
C SER A 100 -8.04 0.77 4.37
N TYR A 101 -7.82 1.72 5.28
CA TYR A 101 -7.76 1.36 6.69
C TYR A 101 -9.09 0.77 7.15
N SER A 102 -10.20 1.44 6.85
CA SER A 102 -11.49 0.95 7.27
C SER A 102 -11.93 -0.28 6.50
N GLY A 103 -11.52 -0.40 5.24
CA GLY A 103 -12.03 -1.44 4.38
C GLY A 103 -13.50 -1.31 4.04
N SER A 104 -14.09 -0.14 4.28
CA SER A 104 -15.53 0.03 4.09
C SER A 104 -15.88 1.28 3.30
N LYS A 105 -14.91 1.89 2.60
CA LYS A 105 -15.25 2.97 1.70
C LYS A 105 -15.87 2.38 0.44
N LYS A 106 -17.08 2.84 0.11
CA LYS A 106 -17.87 2.23 -0.95
C LYS A 106 -17.08 2.15 -2.26
N GLU A 107 -16.37 3.21 -2.60
CA GLU A 107 -15.66 3.26 -3.88
C GLU A 107 -14.57 2.20 -3.94
N ILE A 108 -13.86 1.99 -2.84
CA ILE A 108 -12.75 1.04 -2.82
C ILE A 108 -13.26 -0.39 -2.79
N VAL A 109 -14.35 -0.63 -2.05
CA VAL A 109 -14.99 -1.94 -2.08
C VAL A 109 -15.47 -2.27 -3.49
N LEU A 110 -16.10 -1.29 -4.15
CA LEU A 110 -16.58 -1.51 -5.51
C LEU A 110 -15.44 -1.85 -6.46
N CYS A 111 -14.32 -1.14 -6.37
CA CYS A 111 -13.15 -1.45 -7.20
C CYS A 111 -12.64 -2.86 -6.95
N ALA A 112 -12.66 -3.31 -5.70
CA ALA A 112 -12.19 -4.66 -5.39
C ALA A 112 -13.15 -5.70 -5.95
N GLU A 113 -14.46 -5.46 -5.83
CA GLU A 113 -15.43 -6.36 -6.42
C GLU A 113 -15.23 -6.46 -7.93
N ALA A 114 -15.02 -5.32 -8.59
CA ALA A 114 -14.84 -5.31 -10.05
C ALA A 114 -13.57 -6.04 -10.45
N ALA A 115 -12.48 -5.81 -9.73
CA ALA A 115 -11.23 -6.49 -10.03
C ALA A 115 -11.38 -8.00 -9.88
N ARG A 116 -12.00 -8.43 -8.78
CA ARG A 116 -12.17 -9.85 -8.55
C ARG A 116 -13.04 -10.49 -9.63
N LYS A 117 -14.08 -9.77 -10.08
CA LYS A 117 -14.95 -10.30 -11.12
C LYS A 117 -14.20 -10.52 -12.42
N GLN A 118 -13.22 -9.68 -12.73
CA GLN A 118 -12.41 -9.86 -13.94
C GLN A 118 -11.34 -10.93 -13.77
N GLY A 119 -11.20 -11.51 -12.59
CA GLY A 119 -10.20 -12.53 -12.38
C GLY A 119 -8.87 -12.04 -11.84
N ALA A 120 -8.77 -10.75 -11.50
CA ALA A 120 -7.54 -10.24 -10.93
C ALA A 120 -7.40 -10.66 -9.47
N THR A 121 -6.16 -10.63 -8.98
CA THR A 121 -5.86 -10.95 -7.58
C THR A 121 -5.91 -9.68 -6.75
N VAL A 122 -6.70 -9.71 -5.66
CA VAL A 122 -6.89 -8.55 -4.79
C VAL A 122 -6.13 -8.77 -3.50
N ILE A 123 -5.23 -7.84 -3.19
CA ILE A 123 -4.47 -7.83 -1.93
C ILE A 123 -4.91 -6.60 -1.18
N ALA A 124 -5.53 -6.79 -0.01
CA ALA A 124 -5.99 -5.68 0.80
C ALA A 124 -4.95 -5.32 1.86
N ILE A 125 -4.77 -4.02 2.08
CA ILE A 125 -3.94 -3.50 3.15
C ILE A 125 -4.89 -2.70 4.03
N THR A 126 -5.25 -3.25 5.20
CA THR A 126 -6.42 -2.77 5.92
C THR A 126 -6.28 -3.06 7.41
N SER A 127 -7.09 -2.36 8.20
CA SER A 127 -7.11 -2.52 9.65
C SER A 127 -7.59 -3.92 10.03
N LEU A 128 -7.32 -4.29 11.28
CA LEU A 128 -7.69 -5.59 11.81
C LEU A 128 -9.16 -5.56 12.25
N THR A 129 -10.04 -5.52 11.25
CA THR A 129 -11.49 -5.49 11.42
C THR A 129 -12.15 -6.31 10.31
N ASP A 130 -13.41 -6.70 10.53
CA ASP A 130 -14.19 -7.54 9.60
C ASP A 130 -14.98 -6.67 8.61
N SER A 131 -14.29 -6.22 7.54
CA SER A 131 -14.79 -5.25 6.58
C SER A 131 -15.18 -5.91 5.27
N PRO A 132 -15.99 -5.24 4.45
CA PRO A 132 -16.27 -5.78 3.11
C PRO A 132 -15.02 -6.00 2.28
N LEU A 133 -14.04 -5.10 2.40
CA LEU A 133 -12.82 -5.28 1.61
C LEU A 133 -12.07 -6.53 2.03
N ARG A 134 -11.94 -6.76 3.34
CA ARG A 134 -11.27 -7.97 3.81
C ARG A 134 -11.98 -9.22 3.31
N ARG A 135 -13.31 -9.19 3.20
CA ARG A 135 -14.04 -10.35 2.70
C ARG A 135 -13.86 -10.57 1.20
N LEU A 136 -13.51 -9.52 0.44
CA LEU A 136 -13.29 -9.64 -0.99
C LEU A 136 -11.86 -9.99 -1.36
N ALA A 137 -10.90 -9.77 -0.47
CA ALA A 137 -9.51 -9.88 -0.84
C ALA A 137 -9.06 -11.34 -0.86
N HIS A 138 -8.18 -11.66 -1.81
CA HIS A 138 -7.54 -12.97 -1.79
C HIS A 138 -6.51 -13.06 -0.68
N PHE A 139 -5.85 -11.96 -0.36
CA PHE A 139 -4.86 -11.88 0.69
C PHE A 139 -5.03 -10.54 1.38
N THR A 140 -4.85 -10.52 2.70
CA THR A 140 -4.92 -9.28 3.47
C THR A 140 -3.66 -9.11 4.30
N LEU A 141 -3.10 -7.91 4.27
CA LEU A 141 -2.03 -7.49 5.16
C LEU A 141 -2.59 -6.48 6.13
N ASP A 142 -2.33 -6.67 7.42
CA ASP A 142 -2.97 -5.89 8.46
C ASP A 142 -2.16 -4.64 8.79
N THR A 143 -2.88 -3.55 9.05
CA THR A 143 -2.26 -2.31 9.49
C THR A 143 -2.94 -1.88 10.78
N VAL A 144 -2.15 -1.66 11.83
CA VAL A 144 -2.65 -1.32 13.16
C VAL A 144 -2.09 0.05 13.52
N SER A 145 -2.97 1.01 13.72
CA SER A 145 -2.54 2.34 14.15
C SER A 145 -2.25 2.40 15.63
N GLY A 146 -2.78 1.46 16.41
CA GLY A 146 -2.75 1.54 17.85
C GLY A 146 -3.76 2.55 18.36
N GLU A 147 -3.79 2.69 19.69
CA GLU A 147 -4.64 3.69 20.32
C GLU A 147 -4.00 5.06 20.14
N THR A 148 -4.67 5.93 19.39
CA THR A 148 -4.10 7.19 18.99
C THR A 148 -4.90 8.35 19.59
N GLU A 149 -4.23 9.48 19.79
CA GLU A 149 -4.93 10.70 20.15
C GLU A 149 -5.59 11.30 18.91
N TRP A 150 -6.69 12.02 19.13
CA TRP A 150 -7.52 12.44 18.00
C TRP A 150 -6.77 13.37 17.04
N ARG A 151 -5.82 14.17 17.55
CA ARG A 151 -5.14 15.12 16.67
C ARG A 151 -4.17 14.43 15.71
N SER A 152 -3.79 13.18 16.00
CA SER A 152 -2.77 12.50 15.22
C SER A 152 -3.20 11.13 14.70
N SER A 153 -4.47 10.77 14.81
CA SER A 153 -4.91 9.44 14.40
C SER A 153 -4.55 9.16 12.94
N SER A 154 -4.74 10.14 12.06
CA SER A 154 -4.50 9.86 10.64
C SER A 154 -3.01 9.69 10.38
N MET A 155 -2.18 10.32 11.20
CA MET A 155 -0.71 10.28 10.96
C MET A 155 -0.14 8.93 11.38
N SER A 156 -0.55 8.43 12.52
CA SER A 156 -0.09 7.11 12.94
C SER A 156 -0.66 6.01 12.05
N THR A 157 -1.89 6.19 11.55
CA THR A 157 -2.44 5.26 10.58
C THR A 157 -1.56 5.19 9.33
N ARG A 158 -1.22 6.36 8.78
CA ARG A 158 -0.35 6.42 7.61
C ARG A 158 1.00 5.76 7.89
N THR A 159 1.56 6.00 9.07
CA THR A 159 2.83 5.36 9.43
C THR A 159 2.71 3.84 9.38
N ALA A 160 1.62 3.29 9.94
CA ALA A 160 1.40 1.85 9.91
C ALA A 160 1.25 1.35 8.49
N GLN A 161 0.49 2.07 7.66
CA GLN A 161 0.29 1.64 6.27
C GLN A 161 1.60 1.63 5.51
N ASN A 162 2.40 2.70 5.65
CA ASN A 162 3.69 2.76 4.98
C ASN A 162 4.62 1.65 5.43
N SER A 163 4.49 1.18 6.67
CA SER A 163 5.38 0.09 7.08
C SER A 163 5.13 -1.17 6.24
N VAL A 164 3.88 -1.39 5.82
CA VAL A 164 3.57 -2.55 4.97
C VAL A 164 4.01 -2.31 3.54
N THR A 165 3.65 -1.17 2.95
CA THR A 165 4.01 -0.92 1.56
C THR A 165 5.53 -0.84 1.40
N ASP A 166 6.23 -0.24 2.37
CA ASP A 166 7.69 -0.16 2.28
C ASP A 166 8.30 -1.55 2.25
N LEU A 167 7.76 -2.47 3.05
CA LEU A 167 8.28 -3.83 3.08
C LEU A 167 8.02 -4.55 1.76
N LEU A 168 6.83 -4.33 1.16
CA LEU A 168 6.58 -4.88 -0.18
C LEU A 168 7.63 -4.38 -1.17
N PHE A 169 7.94 -3.08 -1.13
CA PHE A 169 8.92 -2.53 -2.06
C PHE A 169 10.29 -3.20 -1.89
N VAL A 170 10.78 -3.29 -0.64
CA VAL A 170 12.09 -3.90 -0.42
C VAL A 170 12.08 -5.35 -0.87
N GLY A 171 11.00 -6.08 -0.59
CA GLY A 171 10.90 -7.46 -1.04
C GLY A 171 10.96 -7.59 -2.55
N LEU A 172 10.36 -6.63 -3.26
CA LEU A 172 10.38 -6.68 -4.72
C LEU A 172 11.75 -6.33 -5.27
N VAL A 173 12.45 -5.38 -4.67
CA VAL A 173 13.85 -5.11 -5.05
C VAL A 173 14.68 -6.37 -4.87
N GLN A 174 14.49 -7.07 -3.75
CA GLN A 174 15.25 -8.28 -3.43
C GLN A 174 15.12 -9.31 -4.54
N LEU A 175 13.94 -9.41 -5.14
CA LEU A 175 13.65 -10.45 -6.13
C LEU A 175 14.27 -10.17 -7.49
N ASN A 176 14.56 -8.91 -7.82
CA ASN A 176 15.11 -8.55 -9.12
C ASN A 176 16.17 -7.47 -8.89
N ASP A 177 17.27 -7.86 -8.23
CA ASP A 177 18.16 -6.85 -7.68
C ASP A 177 18.97 -6.14 -8.76
N VAL A 178 19.47 -6.88 -9.74
CA VAL A 178 20.31 -6.27 -10.77
C VAL A 178 19.53 -5.23 -11.57
N GLU A 179 18.36 -5.62 -12.08
CA GLU A 179 17.58 -4.68 -12.86
C GLU A 179 17.10 -3.51 -12.01
N SER A 180 16.73 -3.76 -10.75
CA SER A 180 16.33 -2.67 -9.87
C SER A 180 17.47 -1.66 -9.71
N LEU A 181 18.69 -2.15 -9.48
CA LEU A 181 19.83 -1.24 -9.33
C LEU A 181 20.10 -0.47 -10.62
N LYS A 182 19.97 -1.14 -11.78
CA LYS A 182 20.17 -0.45 -13.05
C LYS A 182 19.16 0.67 -13.22
N MET A 183 17.91 0.40 -12.86
CA MET A 183 16.86 1.40 -13.03
C MET A 183 17.00 2.54 -12.03
N ILE A 184 17.43 2.22 -10.81
CA ILE A 184 17.73 3.27 -9.84
C ILE A 184 18.85 4.17 -10.36
N GLN A 185 19.91 3.57 -10.94
CA GLN A 185 21.02 4.38 -11.45
C GLN A 185 20.60 5.24 -12.63
N ARG A 186 19.85 4.68 -13.58
CA ARG A 186 19.41 5.47 -14.72
C ARG A 186 18.53 6.62 -14.25
N SER A 187 17.66 6.36 -13.27
CA SER A 187 16.77 7.39 -12.76
C SER A 187 17.54 8.51 -12.08
N SER A 188 18.54 8.16 -11.27
CA SER A 188 19.35 9.17 -10.61
C SER A 188 20.12 10.00 -11.63
N GLU A 189 20.69 9.34 -12.64
CA GLU A 189 21.43 10.07 -13.67
C GLU A 189 20.53 11.05 -14.42
N LEU A 190 19.29 10.65 -14.71
CA LEU A 190 18.37 11.52 -15.42
C LEU A 190 17.96 12.73 -14.60
N THR A 191 17.58 12.51 -13.34
CA THR A 191 17.14 13.64 -12.52
C THR A 191 18.29 14.59 -12.21
N GLN A 192 19.51 14.08 -12.14
CA GLN A 192 20.65 14.97 -11.94
C GLN A 192 20.84 15.90 -13.13
N ARG A 193 20.39 15.48 -14.31
CA ARG A 193 20.48 16.35 -15.48
C ARG A 193 19.51 17.51 -15.41
N LEU A 194 18.57 17.50 -14.46
CA LEU A 194 17.63 18.59 -14.25
C LEU A 194 18.09 19.57 -13.17
N LYS A 195 19.27 19.35 -12.62
CA LYS A 195 19.79 20.26 -11.55
C LYS A 195 20.05 21.68 -12.11
C02 J79 B . -9.47 8.70 4.68
C03 J79 B . -9.93 10.09 4.95
C05 J79 B . -8.55 11.66 6.16
C06 J79 B . -7.10 11.25 6.50
C07 J79 B . -9.12 12.69 7.12
C10 J79 B . -11.42 10.16 5.02
C12 J79 B . -12.65 11.96 6.34
C13 J79 B . -13.07 13.45 6.45
C15 J79 B . -12.06 9.65 3.75
C18 J79 B . -10.15 8.20 3.43
C19 J79 B . -9.81 6.76 3.17
N11 J79 B . -11.86 11.57 5.20
O01 J79 B . -8.05 8.71 4.47
O04 J79 B . -9.39 10.52 6.25
O08 J79 B . -9.52 12.33 8.25
O09 J79 B . -9.18 13.89 6.78
O14 J79 B . -12.95 11.17 7.17
O16 J79 B . -13.43 9.58 3.87
O17 J79 B . -11.61 8.26 3.58
O20 J79 B . -10.21 6.01 4.30
O22 J79 B . -8.23 4.39 4.51
O23 J79 B . -10.16 3.79 3.04
O24 J79 B . -10.48 3.84 5.54
P21 J79 B . -9.74 4.42 4.35
#